data_4FFP
#
_entry.id   4FFP
#
_cell.length_a   61.260
_cell.length_b   61.260
_cell.length_c   172.080
_cell.angle_alpha   90.00
_cell.angle_beta   90.00
_cell.angle_gamma   90.00
#
_symmetry.space_group_name_H-M   'P 43 21 2'
#
loop_
_entity.id
_entity.type
_entity.pdbx_description
1 polymer 'Putative uncharacterized protein'
2 non-polymer N~6~-D-ornithyl-L-lysine
3 non-polymer "ADENOSINE-5'-DIPHOSPHATE"
4 non-polymer 'PHOSPHATE ION'
5 non-polymer 'MAGNESIUM ION'
6 water water
#
_entity_poly.entity_id   1
_entity_poly.type   'polypeptide(L)'
_entity_poly.pdbx_seq_one_letter_code
;MKTICLVGGKLQGFEAAYLSKKAGMKVVLVDKNPQALIRNYADEFYCFDVIKEPEKLLELSKRVDAVLPVNENLACIEFL
NSIKEKFSCPVLFDFEAYRISRDKKKSKDYFKSIGVPTPQDRPSKPPYFVKPPCESSSVGARIIYDDKDLEGLEPDTLVE
EYVEGEVVSLEVVGDGSHFAVVKETLVHIDETYDCHMVTPLPANPLFRQISHDLAANLPLKGIMDVEAIFGPKGLRVIEI
DARFPSQTPTVVYYSSGINLIELLFRAFTDGVEEIRAIPENKYCIYEHLMFGENGVLIPVGEQVLSMGSDYGKFYEEPGI
EIFLCKGEYPVFTMVFWGKDREETGAKRCKGLSVLKERFGAVL
;
_entity_poly.pdbx_strand_id   A
#
# COMPACT_ATOMS: atom_id res chain seq x y z
N MET A 1 14.14 11.10 -19.00
CA MET A 1 14.08 10.20 -17.81
C MET A 1 13.84 11.05 -16.56
N LYS A 2 12.81 10.67 -15.83
CA LYS A 2 12.49 11.31 -14.57
C LYS A 2 13.23 10.59 -13.40
N THR A 3 13.48 11.33 -12.32
CA THR A 3 14.02 10.73 -11.12
C THR A 3 13.05 11.07 -10.00
N ILE A 4 12.76 10.08 -9.15
CA ILE A 4 11.89 10.30 -8.00
C ILE A 4 12.74 10.10 -6.74
N CYS A 5 12.50 10.93 -5.73
CA CYS A 5 13.16 10.71 -4.44
C CYS A 5 12.13 10.14 -3.48
N LEU A 6 12.41 8.96 -2.94
CA LEU A 6 11.55 8.33 -1.94
C LEU A 6 12.05 8.62 -0.53
N VAL A 7 11.21 9.16 0.35
CA VAL A 7 11.58 9.25 1.78
C VAL A 7 10.94 8.08 2.55
N GLY A 8 11.73 7.04 2.79
CA GLY A 8 11.21 5.81 3.38
C GLY A 8 11.49 4.59 2.52
N GLY A 9 12.23 3.64 3.09
CA GLY A 9 12.67 2.50 2.32
C GLY A 9 12.21 1.16 2.87
N LYS A 10 10.96 1.10 3.33
CA LYS A 10 10.36 -0.17 3.71
C LYS A 10 9.29 -0.60 2.74
N LEU A 11 8.09 -0.94 3.21
CA LEU A 11 7.13 -1.59 2.29
C LEU A 11 6.52 -0.62 1.27
N GLN A 12 6.13 0.56 1.77
CA GLN A 12 5.62 1.61 0.88
C GLN A 12 6.71 1.96 -0.11
N GLY A 13 7.91 2.16 0.42
CA GLY A 13 9.07 2.52 -0.37
C GLY A 13 9.28 1.48 -1.46
N PHE A 14 9.14 0.20 -1.12
CA PHE A 14 9.33 -0.84 -2.14
C PHE A 14 8.32 -0.72 -3.26
N GLU A 15 7.04 -0.60 -2.87
CA GLU A 15 5.99 -0.51 -3.89
C GLU A 15 6.24 0.68 -4.84
N ALA A 16 6.56 1.83 -4.26
CA ALA A 16 6.80 3.04 -5.05
C ALA A 16 8.03 2.82 -5.94
N ALA A 17 9.09 2.20 -5.39
CA ALA A 17 10.32 1.96 -6.20
C ALA A 17 10.03 1.02 -7.39
N TYR A 18 9.30 -0.05 -7.09
CA TYR A 18 8.89 -1.04 -8.07
C TYR A 18 8.14 -0.43 -9.27
N LEU A 19 7.09 0.34 -9.00
CA LEU A 19 6.33 1.03 -10.04
C LEU A 19 7.13 2.18 -10.70
N SER A 20 7.99 2.85 -9.93
CA SER A 20 8.88 3.89 -10.53
C SER A 20 9.80 3.27 -11.60
N LYS A 21 10.41 2.14 -11.25
CA LYS A 21 11.18 1.39 -12.23
C LYS A 21 10.34 0.92 -13.42
N LYS A 22 9.13 0.40 -13.19
CA LYS A 22 8.28 0.09 -14.36
C LYS A 22 8.03 1.29 -15.28
N ALA A 23 7.98 2.49 -14.70
CA ALA A 23 7.78 3.71 -15.46
C ALA A 23 9.07 4.23 -16.07
N GLY A 24 10.18 3.54 -15.86
CA GLY A 24 11.46 3.99 -16.38
C GLY A 24 12.15 5.11 -15.62
N MET A 25 11.80 5.33 -14.36
CA MET A 25 12.41 6.41 -13.59
C MET A 25 13.55 5.87 -12.81
N LYS A 26 14.50 6.74 -12.54
CA LYS A 26 15.54 6.47 -11.57
C LYS A 26 15.01 6.68 -10.16
N VAL A 27 15.44 5.85 -9.21
CA VAL A 27 14.88 5.87 -7.87
C VAL A 27 15.96 6.23 -6.89
N VAL A 28 15.80 7.38 -6.25
CA VAL A 28 16.71 7.77 -5.20
C VAL A 28 16.02 7.56 -3.87
N LEU A 29 16.65 6.85 -2.94
CA LEU A 29 16.03 6.62 -1.66
C LEU A 29 16.74 7.39 -0.57
N VAL A 30 15.96 8.05 0.26
CA VAL A 30 16.42 8.55 1.54
C VAL A 30 15.80 7.76 2.69
N ASP A 31 16.64 7.30 3.63
CA ASP A 31 16.15 6.61 4.81
C ASP A 31 17.18 6.79 5.94
N LYS A 32 16.69 6.98 7.17
CA LYS A 32 17.59 7.18 8.30
C LYS A 32 18.19 5.85 8.76
N ASN A 33 17.69 4.74 8.25
CA ASN A 33 18.15 3.42 8.69
C ASN A 33 19.22 2.88 7.73
N PRO A 34 20.49 2.68 8.20
CA PRO A 34 21.54 2.21 7.25
C PRO A 34 21.24 0.80 6.76
N GLN A 35 20.43 0.05 7.50
CA GLN A 35 19.87 -1.22 7.02
C GLN A 35 18.49 -1.15 6.36
N ALA A 36 18.14 -0.02 5.71
CA ALA A 36 16.76 0.20 5.22
C ALA A 36 16.48 -0.94 4.28
N LEU A 37 15.29 -1.49 4.36
CA LEU A 37 14.95 -2.69 3.65
C LEU A 37 15.25 -2.70 2.13
N ILE A 38 15.01 -1.60 1.44
CA ILE A 38 15.19 -1.60 0.00
C ILE A 38 16.39 -0.80 -0.46
N ARG A 39 17.31 -0.59 0.46
CA ARG A 39 18.49 0.21 0.20
C ARG A 39 19.21 -0.29 -1.05
N ASN A 40 19.17 -1.60 -1.36
CA ASN A 40 19.94 -2.13 -2.50
C ASN A 40 19.13 -2.18 -3.78
N TYR A 41 17.82 -2.01 -3.62
CA TYR A 41 16.86 -2.00 -4.74
C TYR A 41 16.82 -0.62 -5.41
N ALA A 42 16.94 0.44 -4.62
CA ALA A 42 17.01 1.78 -5.19
C ALA A 42 18.30 1.94 -5.96
N ASP A 43 18.29 2.94 -6.84
CA ASP A 43 19.42 3.27 -7.69
C ASP A 43 20.50 4.05 -6.95
N GLU A 44 20.07 4.87 -5.99
CA GLU A 44 20.98 5.60 -5.12
C GLU A 44 20.37 5.58 -3.74
N PHE A 45 21.22 5.50 -2.71
CA PHE A 45 20.75 5.45 -1.34
C PHE A 45 21.50 6.47 -0.54
N TYR A 46 20.75 7.42 0.01
CA TYR A 46 21.27 8.38 0.97
C TYR A 46 20.71 8.10 2.35
N CYS A 47 21.63 7.81 3.27
CA CYS A 47 21.28 7.52 4.63
C CYS A 47 21.38 8.76 5.52
N PHE A 48 20.22 9.36 5.81
CA PHE A 48 20.13 10.46 6.76
C PHE A 48 18.70 10.57 7.22
N ASP A 49 18.53 11.22 8.36
CA ASP A 49 17.22 11.49 8.93
C ASP A 49 16.82 12.90 8.45
N VAL A 50 15.71 13.01 7.71
CA VAL A 50 15.39 14.26 7.04
C VAL A 50 15.02 15.32 8.05
N ILE A 51 14.56 14.92 9.24
CA ILE A 51 14.26 15.87 10.33
C ILE A 51 15.56 16.42 10.92
N LYS A 52 16.60 15.60 10.96
CA LYS A 52 17.85 16.12 11.49
C LYS A 52 18.65 16.92 10.47
N GLU A 53 18.51 16.58 9.19
CA GLU A 53 19.38 17.19 8.19
C GLU A 53 18.54 17.58 6.99
N PRO A 54 17.58 18.53 7.20
CA PRO A 54 16.63 18.81 6.12
C PRO A 54 17.33 19.45 4.92
N GLU A 55 18.41 20.19 5.16
CA GLU A 55 19.15 20.81 4.03
C GLU A 55 19.59 19.75 2.98
N LYS A 56 19.98 18.55 3.42
CA LYS A 56 20.30 17.52 2.43
C LYS A 56 19.12 17.14 1.56
N LEU A 57 17.92 17.09 2.14
CA LEU A 57 16.76 16.73 1.34
C LEU A 57 16.42 17.90 0.40
N LEU A 58 16.41 19.11 0.94
CA LEU A 58 16.14 20.30 0.12
C LEU A 58 17.10 20.35 -1.07
N GLU A 59 18.39 20.08 -0.82
CA GLU A 59 19.38 19.96 -1.91
C GLU A 59 19.04 18.86 -2.92
N LEU A 60 18.69 17.66 -2.45
CA LEU A 60 18.19 16.63 -3.38
C LEU A 60 17.00 17.06 -4.24
N SER A 61 16.10 17.86 -3.65
CA SER A 61 14.90 18.31 -4.36
C SER A 61 15.26 19.12 -5.60
N LYS A 62 16.47 19.67 -5.62
CA LYS A 62 16.90 20.46 -6.74
C LYS A 62 17.32 19.57 -7.89
N ARG A 63 17.48 18.28 -7.67
CA ARG A 63 17.94 17.46 -8.76
C ARG A 63 17.12 16.20 -9.04
N VAL A 64 15.88 16.18 -8.58
CA VAL A 64 14.97 15.11 -8.92
C VAL A 64 13.66 15.77 -9.38
N ASP A 65 12.74 14.99 -9.90
CA ASP A 65 11.51 15.51 -10.42
C ASP A 65 10.37 15.55 -9.42
N ALA A 66 10.45 14.73 -8.37
CA ALA A 66 9.43 14.73 -7.33
C ALA A 66 10.01 14.07 -6.10
N VAL A 67 9.49 14.49 -4.96
CA VAL A 67 9.75 13.81 -3.68
C VAL A 67 8.45 13.17 -3.19
N LEU A 68 8.53 11.88 -2.86
CA LEU A 68 7.39 11.10 -2.46
C LEU A 68 7.67 10.56 -1.05
N PRO A 69 6.96 11.07 -0.04
CA PRO A 69 7.09 10.49 1.30
C PRO A 69 6.47 9.11 1.28
N VAL A 70 7.17 8.09 1.75
CA VAL A 70 6.60 6.76 1.81
C VAL A 70 6.96 6.17 3.18
N ASN A 71 6.44 6.80 4.23
CA ASN A 71 6.57 6.33 5.60
C ASN A 71 5.38 6.91 6.34
N GLU A 72 5.14 6.39 7.53
CA GLU A 72 4.03 6.79 8.35
C GLU A 72 4.58 7.23 9.67
N ASN A 73 5.79 7.78 9.65
CA ASN A 73 6.35 8.37 10.85
C ASN A 73 5.71 9.77 10.98
N LEU A 74 4.82 9.96 11.94
CA LEU A 74 4.11 11.22 12.02
C LEU A 74 5.06 12.40 12.27
N ALA A 75 6.11 12.23 13.06
CA ALA A 75 7.11 13.30 13.20
C ALA A 75 7.71 13.68 11.82
N CYS A 76 8.02 12.67 11.00
CA CYS A 76 8.57 12.94 9.65
C CYS A 76 7.54 13.71 8.80
N ILE A 77 6.33 13.18 8.73
CA ILE A 77 5.29 13.80 7.88
C ILE A 77 5.01 15.25 8.32
N GLU A 78 4.84 15.46 9.61
CA GLU A 78 4.54 16.81 10.06
C GLU A 78 5.72 17.71 9.81
N PHE A 79 6.95 17.22 10.00
CA PHE A 79 8.11 18.07 9.72
C PHE A 79 8.14 18.44 8.24
N LEU A 80 7.88 17.46 7.38
CA LEU A 80 7.90 17.74 5.92
C LEU A 80 6.83 18.76 5.55
N ASN A 81 5.65 18.62 6.13
CA ASN A 81 4.61 19.66 6.00
C ASN A 81 5.13 21.07 6.32
N SER A 82 5.86 21.18 7.43
CA SER A 82 6.42 22.44 7.88
C SER A 82 7.43 23.05 6.91
N ILE A 83 8.09 22.27 6.06
CA ILE A 83 9.13 22.83 5.18
C ILE A 83 8.78 22.65 3.69
N LYS A 84 7.55 22.27 3.42
CA LYS A 84 7.25 21.90 2.05
C LYS A 84 7.39 23.05 1.06
N GLU A 85 7.27 24.29 1.52
CA GLU A 85 7.31 25.43 0.58
C GLU A 85 8.71 25.67 0.09
N LYS A 86 9.68 25.10 0.78
CA LYS A 86 11.08 25.25 0.44
C LYS A 86 11.61 24.28 -0.60
N PHE A 87 10.79 23.32 -1.02
CA PHE A 87 11.28 22.32 -1.97
C PHE A 87 11.35 22.88 -3.37
N SER A 88 12.34 22.40 -4.12
CA SER A 88 12.45 22.76 -5.54
C SER A 88 11.79 21.80 -6.52
N CYS A 89 10.99 20.87 -6.04
CA CYS A 89 10.22 20.02 -6.90
C CYS A 89 8.89 19.75 -6.17
N PRO A 90 7.88 19.22 -6.85
CA PRO A 90 6.62 18.92 -6.13
C PRO A 90 6.79 17.86 -5.02
N VAL A 91 6.12 18.04 -3.89
CA VAL A 91 6.05 16.97 -2.91
C VAL A 91 4.73 16.23 -3.16
N LEU A 92 4.79 14.95 -3.53
CA LEU A 92 3.56 14.19 -3.92
C LEU A 92 2.82 13.65 -2.71
N PHE A 93 2.12 14.52 -2.01
CA PHE A 93 1.48 14.15 -0.75
C PHE A 93 0.36 15.15 -0.42
N ASP A 94 -0.69 14.67 0.25
CA ASP A 94 -1.76 15.55 0.73
C ASP A 94 -1.74 15.57 2.25
N PHE A 95 -1.19 16.63 2.83
CA PHE A 95 -0.99 16.62 4.27
C PHE A 95 -2.29 16.70 5.05
N GLU A 96 -3.26 17.48 4.56
CA GLU A 96 -4.55 17.52 5.22
C GLU A 96 -5.30 16.19 5.10
N ALA A 97 -5.28 15.53 3.95
CA ALA A 97 -5.95 14.24 3.84
C ALA A 97 -5.31 13.24 4.82
N TYR A 98 -4.00 13.29 4.94
CA TYR A 98 -3.27 12.35 5.81
C TYR A 98 -3.63 12.51 7.29
N ARG A 99 -3.85 13.75 7.71
CA ARG A 99 -4.23 14.08 9.07
C ARG A 99 -5.57 13.40 9.41
N ILE A 100 -6.47 13.34 8.45
CA ILE A 100 -7.70 12.67 8.74
C ILE A 100 -7.51 11.14 8.65
N SER A 101 -6.90 10.68 7.56
CA SER A 101 -6.85 9.24 7.29
C SER A 101 -6.00 8.54 8.34
N ARG A 102 -4.99 9.20 8.90
CA ARG A 102 -4.18 8.47 9.88
C ARG A 102 -4.89 8.13 11.18
N ASP A 103 -5.95 8.86 11.52
CA ASP A 103 -6.59 8.65 12.80
C ASP A 103 -7.94 8.00 12.50
N LYS A 104 -8.11 6.75 12.94
CA LYS A 104 -9.26 5.99 12.54
C LYS A 104 -10.58 6.57 13.02
N LYS A 105 -10.60 7.18 14.19
CA LYS A 105 -11.82 7.83 14.69
C LYS A 105 -12.20 9.07 13.91
N LYS A 106 -11.19 9.87 13.62
CA LYS A 106 -11.43 11.06 12.81
C LYS A 106 -11.94 10.64 11.40
N SER A 107 -11.40 9.55 10.85
CA SER A 107 -11.84 9.05 9.55
C SER A 107 -13.30 8.67 9.63
N LYS A 108 -13.67 7.99 10.70
CA LYS A 108 -15.05 7.54 10.89
C LYS A 108 -16.01 8.72 11.01
N ASP A 109 -15.58 9.80 11.66
CA ASP A 109 -16.42 10.99 11.69
C ASP A 109 -16.53 11.58 10.28
N TYR A 110 -15.45 11.51 9.51
CA TYR A 110 -15.48 12.04 8.17
C TYR A 110 -16.46 11.20 7.37
N PHE A 111 -16.41 9.86 7.49
CA PHE A 111 -17.35 8.99 6.72
C PHE A 111 -18.82 9.38 7.01
N LYS A 112 -19.11 9.50 8.30
CA LYS A 112 -20.43 9.83 8.75
C LYS A 112 -20.83 11.19 8.22
N SER A 113 -19.92 12.15 8.18
CA SER A 113 -20.27 13.49 7.75
C SER A 113 -20.67 13.47 6.29
N ILE A 114 -20.24 12.46 5.55
CA ILE A 114 -20.68 12.46 4.14
C ILE A 114 -21.67 11.33 3.80
N GLY A 115 -22.19 10.68 4.83
CA GLY A 115 -23.22 9.68 4.66
C GLY A 115 -22.69 8.32 4.24
N VAL A 116 -21.42 8.00 4.52
CA VAL A 116 -20.84 6.71 4.07
C VAL A 116 -20.93 5.70 5.22
N PRO A 117 -21.60 4.54 4.98
CA PRO A 117 -21.71 3.52 6.03
C PRO A 117 -20.37 2.92 6.51
N THR A 118 -20.25 2.74 7.81
CA THR A 118 -19.00 2.32 8.38
C THR A 118 -19.43 1.42 9.57
N PRO A 119 -18.53 0.57 10.12
CA PRO A 119 -19.02 -0.32 11.18
C PRO A 119 -19.48 0.45 12.41
N GLN A 120 -20.53 -0.06 13.06
CA GLN A 120 -21.04 0.49 14.33
C GLN A 120 -19.95 0.57 15.41
N ASP A 121 -19.82 1.72 16.05
CA ASP A 121 -19.01 1.81 17.26
C ASP A 121 -19.63 1.13 18.48
N ARG A 122 -18.77 0.59 19.32
CA ARG A 122 -19.14 0.04 20.62
C ARG A 122 -20.43 -0.79 20.65
N PRO A 123 -20.54 -1.78 19.76
CA PRO A 123 -21.65 -2.76 19.86
C PRO A 123 -21.87 -3.33 21.28
N SER A 124 -23.06 -3.84 21.56
CA SER A 124 -23.33 -4.40 22.88
C SER A 124 -23.19 -5.94 22.91
N LYS A 125 -23.03 -6.54 21.75
CA LYS A 125 -22.99 -7.99 21.65
C LYS A 125 -21.74 -8.38 20.86
N PRO A 126 -21.00 -9.46 21.27
CA PRO A 126 -19.83 -9.94 20.52
C PRO A 126 -20.20 -10.68 19.20
N PRO A 127 -19.23 -10.84 18.25
CA PRO A 127 -17.85 -10.43 18.41
C PRO A 127 -17.67 -8.94 18.21
N TYR A 128 -16.64 -8.40 18.84
CA TYR A 128 -16.22 -7.07 18.54
C TYR A 128 -14.95 -7.20 17.73
N PHE A 129 -14.65 -6.19 16.92
CA PHE A 129 -13.31 -6.08 16.39
C PHE A 129 -12.70 -4.86 17.05
N VAL A 130 -11.50 -5.03 17.60
CA VAL A 130 -10.71 -3.96 18.25
C VAL A 130 -9.42 -3.69 17.50
N LYS A 131 -9.09 -2.41 17.38
CA LYS A 131 -7.83 -1.99 16.77
C LYS A 131 -7.36 -0.65 17.36
N PRO A 132 -6.02 -0.41 17.36
CA PRO A 132 -5.53 0.92 17.77
C PRO A 132 -6.06 2.01 16.83
N PRO A 133 -6.04 3.28 17.27
CA PRO A 133 -6.58 4.29 16.35
C PRO A 133 -5.65 4.71 15.20
N CYS A 134 -4.34 4.41 15.29
CA CYS A 134 -3.39 5.06 14.37
C CYS A 134 -2.30 4.13 13.76
N GLU A 135 -2.53 2.83 13.82
CA GLU A 135 -1.58 1.89 13.25
C GLU A 135 -1.91 1.64 11.76
N SER A 136 -1.10 0.82 11.10
CA SER A 136 -1.42 0.29 9.78
C SER A 136 -0.98 -1.17 9.83
N SER A 137 -1.07 -1.84 8.67
CA SER A 137 -0.74 -3.29 8.53
C SER A 137 -1.48 -4.26 9.46
N SER A 138 -2.63 -3.84 10.02
CA SER A 138 -3.37 -4.65 11.00
C SER A 138 -2.58 -4.89 12.27
N VAL A 139 -1.58 -4.05 12.53
CA VAL A 139 -0.88 -4.08 13.81
C VAL A 139 -1.90 -3.81 14.94
N GLY A 140 -1.98 -4.74 15.90
CA GLY A 140 -2.90 -4.65 17.05
C GLY A 140 -4.36 -4.96 16.78
N ALA A 141 -4.70 -5.31 15.52
CA ALA A 141 -6.08 -5.66 15.09
C ALA A 141 -6.44 -7.05 15.59
N ARG A 142 -7.55 -7.18 16.28
CA ARG A 142 -7.94 -8.52 16.77
C ARG A 142 -9.44 -8.69 16.90
N ILE A 143 -9.92 -9.92 16.75
CA ILE A 143 -11.28 -10.20 17.12
C ILE A 143 -11.31 -10.49 18.61
N ILE A 144 -12.45 -10.21 19.21
CA ILE A 144 -12.64 -10.41 20.63
C ILE A 144 -14.02 -10.95 20.85
N TYR A 145 -14.09 -12.08 21.53
CA TYR A 145 -15.36 -12.76 21.72
C TYR A 145 -16.04 -12.47 23.03
N GLY A 152 -9.24 -4.41 30.01
CA GLY A 152 -8.79 -3.02 29.96
C GLY A 152 -7.91 -2.66 28.77
N LEU A 153 -8.53 -2.39 27.62
CA LEU A 153 -7.84 -1.79 26.48
C LEU A 153 -7.48 -0.37 26.87
N GLU A 154 -6.50 0.25 26.20
CA GLU A 154 -6.35 1.71 26.35
C GLU A 154 -7.68 2.38 26.05
N PRO A 155 -7.97 3.49 26.75
CA PRO A 155 -9.27 4.11 26.54
C PRO A 155 -9.50 4.51 25.08
N ASP A 156 -8.43 4.59 24.29
CA ASP A 156 -8.57 5.07 22.91
C ASP A 156 -8.79 4.01 21.81
N THR A 157 -8.64 2.73 22.18
CA THR A 157 -8.85 1.61 21.27
C THR A 157 -10.19 1.73 20.55
N LEU A 158 -10.19 1.54 19.22
CA LEU A 158 -11.45 1.48 18.50
C LEU A 158 -12.06 0.13 18.82
N VAL A 159 -13.35 0.13 19.14
CA VAL A 159 -14.09 -1.11 19.34
C VAL A 159 -15.27 -1.04 18.40
N GLU A 160 -15.34 -1.99 17.48
CA GLU A 160 -16.39 -2.00 16.46
C GLU A 160 -17.15 -3.27 16.36
N GLU A 161 -18.30 -3.23 15.68
CA GLU A 161 -18.93 -4.48 15.33
C GLU A 161 -17.99 -5.16 14.33
N TYR A 162 -17.96 -6.48 14.42
CA TYR A 162 -17.16 -7.30 13.55
C TYR A 162 -18.00 -7.48 12.32
N VAL A 163 -17.53 -7.02 11.18
CA VAL A 163 -18.24 -7.17 9.94
C VAL A 163 -17.59 -8.32 9.16
N GLU A 164 -18.34 -9.41 8.96
CA GLU A 164 -17.86 -10.52 8.14
C GLU A 164 -18.00 -10.19 6.68
N GLY A 165 -17.11 -10.72 5.84
CA GLY A 165 -17.24 -10.65 4.39
C GLY A 165 -15.89 -10.31 3.81
N GLU A 166 -15.85 -10.14 2.50
CA GLU A 166 -14.63 -9.79 1.74
C GLU A 166 -14.09 -8.39 2.03
N VAL A 167 -12.77 -8.29 2.21
CA VAL A 167 -12.07 -7.01 2.34
C VAL A 167 -11.59 -6.54 0.98
N VAL A 168 -12.03 -5.35 0.62
CA VAL A 168 -11.87 -4.91 -0.76
C VAL A 168 -11.22 -3.55 -0.68
N SER A 169 -10.37 -3.25 -1.66
CA SER A 169 -9.58 -2.02 -1.68
C SER A 169 -9.73 -1.30 -3.00
N LEU A 170 -9.72 0.03 -2.98
CA LEU A 170 -9.70 0.84 -4.19
C LEU A 170 -8.78 2.02 -3.96
N GLU A 171 -7.95 2.34 -4.93
CA GLU A 171 -7.14 3.56 -4.82
C GLU A 171 -7.80 4.67 -5.59
N VAL A 172 -7.57 5.90 -5.15
CA VAL A 172 -8.07 7.08 -5.85
C VAL A 172 -6.91 8.05 -5.97
N VAL A 173 -6.71 8.60 -7.14
CA VAL A 173 -5.76 9.71 -7.25
C VAL A 173 -6.49 10.98 -7.60
N GLY A 174 -6.34 12.02 -6.79
CA GLY A 174 -6.97 13.27 -7.17
C GLY A 174 -5.97 14.39 -7.46
N ASP A 175 -6.34 15.38 -8.28
CA ASP A 175 -5.49 16.56 -8.50
C ASP A 175 -6.09 17.80 -7.84
N GLY A 176 -6.99 17.60 -6.88
CA GLY A 176 -7.69 18.74 -6.26
C GLY A 176 -9.06 18.98 -6.87
N SER A 177 -9.23 18.63 -8.15
CA SER A 177 -10.51 18.83 -8.85
C SER A 177 -11.12 17.61 -9.45
N HIS A 178 -10.27 16.75 -9.98
CA HIS A 178 -10.73 15.49 -10.61
C HIS A 178 -10.19 14.33 -9.83
N PHE A 179 -10.95 13.23 -9.75
CA PHE A 179 -10.62 12.15 -8.82
C PHE A 179 -10.75 10.91 -9.64
N ALA A 180 -9.59 10.30 -9.88
CA ALA A 180 -9.48 9.10 -10.70
C ALA A 180 -9.53 7.84 -9.84
N VAL A 181 -10.67 7.16 -9.91
CA VAL A 181 -10.93 5.96 -9.15
C VAL A 181 -10.41 4.79 -9.98
N VAL A 182 -9.53 3.99 -9.39
CA VAL A 182 -8.73 3.10 -10.23
C VAL A 182 -9.32 1.70 -10.30
N LYS A 183 -8.79 0.76 -9.52
CA LYS A 183 -9.13 -0.63 -9.74
C LYS A 183 -9.38 -1.37 -8.44
N GLU A 184 -10.50 -2.08 -8.33
CA GLU A 184 -10.83 -2.84 -7.11
C GLU A 184 -9.92 -4.05 -6.94
N THR A 185 -9.50 -4.33 -5.71
CA THR A 185 -8.72 -5.53 -5.43
C THR A 185 -9.26 -6.20 -4.19
N LEU A 186 -9.10 -7.51 -4.15
CA LEU A 186 -9.47 -8.28 -3.01
C LEU A 186 -8.27 -8.44 -2.08
N VAL A 187 -8.49 -8.16 -0.80
CA VAL A 187 -7.41 -8.24 0.17
C VAL A 187 -7.61 -9.56 0.85
N HIS A 188 -6.68 -10.48 0.65
CA HIS A 188 -6.78 -11.78 1.34
C HIS A 188 -6.08 -11.74 2.68
N ILE A 189 -6.78 -12.10 3.76
CA ILE A 189 -6.32 -11.80 5.15
C ILE A 189 -5.92 -13.08 5.87
N ASP A 190 -4.96 -13.02 6.77
CA ASP A 190 -4.57 -14.25 7.41
C ASP A 190 -5.08 -14.23 8.88
N GLU A 191 -4.67 -15.19 9.68
CA GLU A 191 -5.16 -15.32 11.05
C GLU A 191 -4.80 -14.11 11.95
N THR A 192 -3.85 -13.27 11.50
CA THR A 192 -3.45 -12.05 12.22
C THR A 192 -4.16 -10.81 11.66
N TYR A 193 -5.03 -11.02 10.67
CA TYR A 193 -5.68 -9.93 9.96
C TYR A 193 -4.72 -9.12 9.11
N ASP A 194 -3.55 -9.65 8.83
CA ASP A 194 -2.61 -9.04 7.93
C ASP A 194 -2.95 -9.58 6.52
N CYS A 195 -2.45 -8.89 5.50
CA CYS A 195 -2.70 -9.24 4.10
C CYS A 195 -1.53 -10.06 3.50
N HIS A 196 -1.80 -11.30 3.09
CA HIS A 196 -0.78 -12.17 2.51
C HIS A 196 -0.95 -12.32 1.00
N MET A 197 -2.06 -11.88 0.45
CA MET A 197 -2.30 -12.07 -0.98
C MET A 197 -3.27 -10.99 -1.46
N VAL A 198 -3.15 -10.59 -2.72
CA VAL A 198 -4.05 -9.65 -3.34
C VAL A 198 -4.37 -10.12 -4.75
N THR A 199 -5.64 -9.98 -5.14
CA THR A 199 -6.12 -10.37 -6.48
C THR A 199 -7.10 -9.26 -6.94
N PRO A 200 -7.35 -9.13 -8.26
CA PRO A 200 -8.19 -8.05 -8.73
C PRO A 200 -9.63 -8.47 -8.71
N LEU A 201 -10.50 -7.48 -8.68
CA LEU A 201 -11.95 -7.68 -8.65
C LEU A 201 -12.60 -6.89 -9.76
N PRO A 202 -13.77 -7.35 -10.21
CA PRO A 202 -14.61 -6.66 -11.19
C PRO A 202 -15.13 -5.32 -10.68
N ALA A 203 -15.51 -4.41 -11.57
CA ALA A 203 -15.93 -3.08 -11.16
C ALA A 203 -17.12 -3.15 -10.20
N ASN A 204 -17.11 -2.30 -9.20
CA ASN A 204 -18.21 -2.27 -8.27
C ASN A 204 -18.69 -0.85 -8.17
N PRO A 205 -19.77 -0.53 -8.93
CA PRO A 205 -20.19 0.89 -9.07
C PRO A 205 -20.48 1.59 -7.75
N LEU A 206 -21.05 0.89 -6.76
CA LEU A 206 -21.31 1.51 -5.47
C LEU A 206 -19.96 1.88 -4.78
N PHE A 207 -19.05 0.91 -4.68
CA PHE A 207 -17.73 1.16 -4.02
C PHE A 207 -17.00 2.28 -4.79
N ARG A 208 -17.11 2.22 -6.11
CA ARG A 208 -16.50 3.32 -6.91
C ARG A 208 -17.09 4.69 -6.60
N GLN A 209 -18.41 4.82 -6.50
CA GLN A 209 -19.00 6.14 -6.16
C GLN A 209 -18.64 6.63 -4.76
N ILE A 210 -18.68 5.70 -3.81
CA ILE A 210 -18.25 5.97 -2.47
C ILE A 210 -16.81 6.51 -2.41
N SER A 211 -15.88 5.79 -3.05
CA SER A 211 -14.46 6.15 -3.08
C SER A 211 -14.34 7.49 -3.75
N HIS A 212 -15.08 7.68 -4.83
CA HIS A 212 -15.08 9.02 -5.48
C HIS A 212 -15.45 10.20 -4.57
N ASP A 213 -16.51 10.01 -3.78
CA ASP A 213 -17.03 11.03 -2.87
C ASP A 213 -16.13 11.21 -1.66
N LEU A 214 -15.53 10.12 -1.15
CA LEU A 214 -14.48 10.26 -0.12
C LEU A 214 -13.31 11.16 -0.58
N ALA A 215 -12.87 10.97 -1.82
CA ALA A 215 -11.76 11.81 -2.34
C ALA A 215 -12.23 13.23 -2.63
N ALA A 216 -13.39 13.31 -3.29
CA ALA A 216 -13.98 14.60 -3.71
C ALA A 216 -14.24 15.54 -2.53
N ASN A 217 -14.68 15.00 -1.39
CA ASN A 217 -15.03 15.85 -0.25
C ASN A 217 -13.84 16.35 0.56
N LEU A 218 -12.64 15.89 0.22
CA LEU A 218 -11.51 16.29 1.06
C LEU A 218 -11.09 17.75 0.80
N PRO A 219 -10.80 18.16 -0.46
CA PRO A 219 -10.68 17.42 -1.71
C PRO A 219 -9.23 16.92 -1.88
N LEU A 220 -9.08 15.72 -2.44
CA LEU A 220 -7.78 15.01 -2.49
C LEU A 220 -6.91 15.57 -3.58
N LYS A 221 -5.71 15.91 -3.20
CA LYS A 221 -4.70 16.13 -4.21
C LYS A 221 -3.54 15.24 -3.81
N GLY A 222 -3.50 14.06 -4.40
CA GLY A 222 -2.56 13.02 -4.01
C GLY A 222 -3.23 11.69 -4.25
N ILE A 223 -2.83 10.72 -3.44
CA ILE A 223 -3.35 9.35 -3.61
C ILE A 223 -3.94 8.88 -2.28
N MET A 224 -5.00 8.10 -2.32
CA MET A 224 -5.51 7.54 -1.07
C MET A 224 -6.08 6.18 -1.37
N ASP A 225 -6.03 5.28 -0.44
CA ASP A 225 -6.77 4.09 -0.72
C ASP A 225 -7.94 3.98 0.25
N VAL A 226 -8.93 3.20 -0.13
CA VAL A 226 -10.16 3.10 0.60
C VAL A 226 -10.34 1.63 0.82
N GLU A 227 -10.65 1.23 2.04
CA GLU A 227 -10.86 -0.19 2.29
C GLU A 227 -12.23 -0.38 2.86
N ALA A 228 -12.93 -1.42 2.38
CA ALA A 228 -14.30 -1.69 2.80
C ALA A 228 -14.49 -3.19 2.99
N ILE A 229 -15.49 -3.58 3.76
CA ILE A 229 -15.88 -4.97 3.85
C ILE A 229 -17.24 -5.06 3.21
N PHE A 230 -17.39 -6.03 2.30
CA PHE A 230 -18.66 -6.32 1.69
C PHE A 230 -19.47 -7.21 2.65
N GLY A 231 -20.15 -6.55 3.58
CA GLY A 231 -20.75 -7.27 4.70
C GLY A 231 -22.11 -7.83 4.38
N PRO A 232 -22.69 -8.57 5.33
CA PRO A 232 -24.00 -9.18 5.16
C PRO A 232 -25.12 -8.14 5.01
N LYS A 233 -24.88 -6.91 5.48
CA LYS A 233 -25.90 -5.87 5.40
C LYS A 233 -25.45 -4.73 4.50
N GLY A 234 -24.50 -5.06 3.62
CA GLY A 234 -23.95 -4.10 2.69
C GLY A 234 -22.50 -3.74 2.95
N LEU A 235 -21.99 -2.90 2.05
CA LEU A 235 -20.67 -2.38 2.11
C LEU A 235 -20.46 -1.46 3.32
N ARG A 236 -19.38 -1.66 4.05
CA ARG A 236 -19.01 -0.78 5.17
C ARG A 236 -17.56 -0.33 5.00
N VAL A 237 -17.34 0.99 4.95
CA VAL A 237 -15.98 1.48 4.85
C VAL A 237 -15.26 1.37 6.20
N ILE A 238 -14.10 0.73 6.22
CA ILE A 238 -13.43 0.54 7.48
C ILE A 238 -12.30 1.53 7.65
N GLU A 239 -11.62 1.90 6.57
CA GLU A 239 -10.56 2.90 6.71
C GLU A 239 -10.22 3.53 5.39
N ILE A 240 -9.52 4.66 5.45
CA ILE A 240 -8.92 5.26 4.28
C ILE A 240 -7.47 5.49 4.67
N ASP A 241 -6.59 5.57 3.69
CA ASP A 241 -5.20 5.90 3.99
C ASP A 241 -4.70 6.77 2.85
N ALA A 242 -4.41 8.03 3.19
CA ALA A 242 -3.92 9.01 2.20
C ALA A 242 -2.42 8.99 2.17
N ARG A 243 -1.89 7.90 1.61
CA ARG A 243 -0.47 7.70 1.40
C ARG A 243 -0.30 6.61 0.36
N PHE A 244 0.90 6.50 -0.22
CA PHE A 244 1.13 5.49 -1.24
C PHE A 244 1.06 4.09 -0.62
N PRO A 245 0.13 3.25 -1.10
CA PRO A 245 0.02 1.94 -0.46
C PRO A 245 1.03 0.89 -0.94
N SER A 246 1.06 -0.23 -0.23
CA SER A 246 1.83 -1.39 -0.64
C SER A 246 0.87 -2.49 -1.15
N GLN A 247 1.44 -3.39 -1.94
CA GLN A 247 0.78 -4.61 -2.41
C GLN A 247 -0.26 -4.32 -3.49
N THR A 248 -1.33 -3.64 -3.17
CA THR A 248 -2.36 -3.44 -4.18
C THR A 248 -1.86 -2.74 -5.48
N PRO A 249 -0.96 -1.75 -5.38
CA PRO A 249 -0.64 -1.08 -6.66
C PRO A 249 -0.01 -2.02 -7.70
N THR A 250 0.61 -3.10 -7.24
CA THR A 250 1.22 -4.04 -8.19
C THR A 250 0.11 -4.79 -8.95
N VAL A 251 -0.91 -5.20 -8.20
CA VAL A 251 -2.03 -5.85 -8.83
C VAL A 251 -2.76 -4.88 -9.77
N VAL A 252 -2.90 -3.63 -9.34
CA VAL A 252 -3.56 -2.62 -10.16
C VAL A 252 -2.77 -2.49 -11.46
N TYR A 253 -1.45 -2.53 -11.34
CA TYR A 253 -0.61 -2.38 -12.52
C TYR A 253 -0.83 -3.50 -13.56
N TYR A 254 -0.77 -4.75 -13.12
CA TYR A 254 -0.97 -5.81 -14.13
C TYR A 254 -2.41 -5.98 -14.60
N SER A 255 -3.36 -5.72 -13.71
CA SER A 255 -4.75 -6.09 -13.98
C SER A 255 -5.36 -4.96 -14.78
N SER A 256 -4.89 -3.73 -14.61
CA SER A 256 -5.57 -2.62 -15.23
C SER A 256 -4.67 -1.88 -16.20
N GLY A 257 -3.35 -2.06 -16.11
CA GLY A 257 -2.40 -1.28 -16.93
C GLY A 257 -2.11 0.13 -16.43
N ILE A 258 -2.68 0.50 -15.29
CA ILE A 258 -2.42 1.79 -14.73
C ILE A 258 -1.27 1.71 -13.71
N ASN A 259 -0.32 2.63 -13.86
CA ASN A 259 0.81 2.73 -12.96
C ASN A 259 0.50 3.87 -12.00
N LEU A 260 0.24 3.57 -10.72
CA LEU A 260 -0.19 4.60 -9.76
C LEU A 260 0.86 5.65 -9.54
N ILE A 261 2.12 5.30 -9.77
CA ILE A 261 3.20 6.32 -9.61
C ILE A 261 3.12 7.39 -10.71
N GLU A 262 2.91 6.93 -11.95
CA GLU A 262 2.78 7.83 -13.09
C GLU A 262 1.52 8.66 -12.94
N LEU A 263 0.43 8.04 -12.49
CA LEU A 263 -0.80 8.78 -12.26
C LEU A 263 -0.61 9.82 -11.14
N LEU A 264 0.10 9.45 -10.07
CA LEU A 264 0.23 10.37 -8.97
C LEU A 264 1.03 11.54 -9.46
N PHE A 265 2.05 11.25 -10.23
CA PHE A 265 2.96 12.28 -10.70
C PHE A 265 2.20 13.28 -11.61
N ARG A 266 1.39 12.73 -12.52
CA ARG A 266 0.45 13.52 -13.31
C ARG A 266 -0.45 14.44 -12.50
N ALA A 267 -0.97 13.93 -11.37
CA ALA A 267 -1.86 14.77 -10.57
C ALA A 267 -1.19 16.05 -10.07
N PHE A 268 0.13 16.05 -9.95
CA PHE A 268 0.83 17.22 -9.46
C PHE A 268 1.45 18.01 -10.61
N THR A 269 1.26 17.58 -11.86
CA THR A 269 1.86 18.28 -13.01
C THR A 269 0.71 18.71 -13.93
N ASP A 270 0.20 17.85 -14.78
CA ASP A 270 -0.85 18.30 -15.70
C ASP A 270 -2.26 18.03 -15.27
N GLY A 271 -2.46 17.31 -14.16
CA GLY A 271 -3.82 16.97 -13.76
C GLY A 271 -4.26 15.58 -14.22
N VAL A 272 -5.42 15.17 -13.78
CA VAL A 272 -5.81 13.83 -13.90
C VAL A 272 -7.21 13.89 -14.49
N GLU A 273 -7.66 12.81 -15.08
CA GLU A 273 -9.01 12.78 -15.57
C GLU A 273 -9.68 11.59 -14.98
N GLU A 274 -10.97 11.70 -14.82
CA GLU A 274 -11.72 10.66 -14.16
C GLU A 274 -11.79 9.39 -15.03
N ILE A 275 -12.00 8.24 -14.36
CA ILE A 275 -11.98 6.80 -14.83
C ILE A 275 -10.66 5.99 -15.03
N GLU A 280 -6.42 -2.22 -19.77
CA GLU A 280 -6.32 -3.67 -19.61
C GLU A 280 -7.44 -4.29 -18.74
N ASN A 281 -7.59 -5.60 -18.93
CA ASN A 281 -8.44 -6.44 -18.07
C ASN A 281 -7.82 -7.86 -17.86
N LYS A 282 -6.57 -7.86 -17.40
CA LYS A 282 -5.83 -9.07 -17.11
C LYS A 282 -6.04 -9.56 -15.67
N TYR A 283 -5.53 -10.74 -15.37
CA TYR A 283 -5.61 -11.21 -14.00
C TYR A 283 -4.22 -11.19 -13.38
N CYS A 284 -4.11 -11.04 -12.06
CA CYS A 284 -2.82 -11.02 -11.41
C CYS A 284 -2.99 -11.59 -10.00
N ILE A 285 -2.00 -12.36 -9.56
CA ILE A 285 -2.01 -12.85 -8.18
C ILE A 285 -0.72 -12.32 -7.56
N TYR A 286 -0.85 -11.67 -6.40
CA TYR A 286 0.28 -11.17 -5.69
C TYR A 286 0.28 -11.83 -4.31
N GLU A 287 1.39 -12.42 -3.88
CA GLU A 287 1.36 -13.03 -2.56
C GLU A 287 2.74 -13.14 -1.92
N HIS A 288 2.76 -13.28 -0.59
CA HIS A 288 3.99 -13.52 0.20
C HIS A 288 4.02 -14.92 0.80
N LEU A 289 5.15 -15.61 0.69
CA LEU A 289 5.35 -16.99 1.18
C LEU A 289 6.69 -17.00 1.89
N MET A 290 6.72 -17.44 3.14
CA MET A 290 7.95 -17.61 3.86
C MET A 290 8.39 -19.06 3.73
N PHE A 291 9.70 -19.23 3.67
CA PHE A 291 10.32 -20.53 3.53
C PHE A 291 10.71 -20.88 4.94
N GLY A 292 9.85 -21.61 5.62
CA GLY A 292 10.11 -21.80 7.02
C GLY A 292 10.98 -23.03 7.10
N GLU A 293 11.13 -23.54 8.33
CA GLU A 293 11.95 -24.73 8.62
C GLU A 293 11.81 -25.87 7.58
N ASN A 294 12.95 -26.29 7.02
CA ASN A 294 13.02 -27.27 5.92
C ASN A 294 12.00 -27.02 4.79
N GLY A 295 12.06 -25.82 4.24
CA GLY A 295 11.30 -25.41 3.05
C GLY A 295 9.82 -25.66 2.98
N VAL A 296 9.16 -25.75 4.12
CA VAL A 296 7.73 -25.70 4.13
C VAL A 296 7.40 -24.22 3.79
N LEU A 297 6.65 -23.97 2.71
CA LEU A 297 6.19 -22.60 2.40
C LEU A 297 4.96 -22.24 3.21
N ILE A 298 5.04 -21.09 3.88
CA ILE A 298 3.94 -20.61 4.68
C ILE A 298 3.51 -19.21 4.25
N PRO A 299 2.19 -18.94 4.06
CA PRO A 299 1.75 -17.58 3.74
C PRO A 299 2.06 -16.68 4.91
N VAL A 300 2.50 -15.46 4.63
CA VAL A 300 2.76 -14.50 5.68
C VAL A 300 2.28 -13.14 5.20
N GLY A 301 1.91 -12.29 6.16
CA GLY A 301 1.56 -10.91 5.87
C GLY A 301 2.76 -9.98 5.86
N GLU A 302 2.47 -8.74 5.47
CA GLU A 302 3.39 -7.63 5.53
C GLU A 302 4.12 -7.44 6.80
N GLN A 303 3.45 -7.63 7.92
CA GLN A 303 4.15 -7.41 9.18
C GLN A 303 5.38 -8.31 9.20
N VAL A 304 5.33 -9.46 8.53
CA VAL A 304 6.48 -10.39 8.59
C VAL A 304 7.63 -9.89 7.68
N LEU A 305 7.22 -9.45 6.51
CA LEU A 305 8.10 -9.01 5.46
C LEU A 305 8.88 -7.77 5.99
N SER A 306 8.22 -7.00 6.82
CA SER A 306 8.83 -5.78 7.25
C SER A 306 9.88 -5.99 8.35
N MET A 307 10.10 -7.24 8.77
CA MET A 307 11.16 -7.51 9.73
C MET A 307 12.40 -8.00 8.98
N GLY A 308 12.39 -7.94 7.65
CA GLY A 308 13.50 -8.46 6.86
C GLY A 308 14.68 -7.51 6.86
N SER A 309 15.81 -7.93 6.29
CA SER A 309 17.00 -7.09 6.33
C SER A 309 17.36 -6.55 4.97
N ASP A 310 16.87 -7.20 3.92
CA ASP A 310 17.27 -6.90 2.56
C ASP A 310 16.22 -7.44 1.56
N TYR A 311 15.76 -6.59 0.63
CA TYR A 311 14.63 -6.94 -0.21
C TYR A 311 14.94 -6.53 -1.62
N GLY A 312 14.98 -7.48 -2.54
CA GLY A 312 15.26 -7.16 -3.93
C GLY A 312 14.75 -8.22 -4.89
N LYS A 313 14.95 -8.04 -6.19
CA LYS A 313 14.47 -9.02 -7.18
C LYS A 313 15.25 -10.34 -7.11
N PHE A 314 14.51 -11.45 -7.11
CA PHE A 314 15.05 -12.79 -7.05
C PHE A 314 14.99 -13.48 -8.41
N TYR A 315 13.90 -13.33 -9.15
CA TYR A 315 13.70 -14.07 -10.39
C TYR A 315 12.65 -13.38 -11.24
N GLU A 316 12.75 -13.54 -12.56
CA GLU A 316 11.68 -13.12 -13.45
C GLU A 316 11.70 -13.93 -14.72
N GLU A 317 10.51 -14.20 -15.24
CA GLU A 317 10.32 -14.76 -16.56
C GLU A 317 8.98 -14.22 -17.00
N PRO A 318 8.56 -14.51 -18.25
CA PRO A 318 7.27 -13.94 -18.69
C PRO A 318 6.12 -14.30 -17.71
N GLY A 319 5.37 -13.29 -17.21
CA GLY A 319 4.24 -13.55 -16.30
C GLY A 319 4.59 -13.85 -14.85
N ILE A 320 5.87 -13.84 -14.52
CA ILE A 320 6.33 -14.18 -13.17
C ILE A 320 7.41 -13.21 -12.71
N GLU A 321 7.19 -12.61 -11.55
CA GLU A 321 8.27 -11.93 -10.85
C GLU A 321 8.34 -12.42 -9.43
N ILE A 322 9.56 -12.60 -8.93
CA ILE A 322 9.76 -13.06 -7.55
C ILE A 322 10.76 -12.16 -6.86
N PHE A 323 10.42 -11.72 -5.65
CA PHE A 323 11.28 -10.84 -4.87
C PHE A 323 11.62 -11.59 -3.62
N LEU A 324 12.82 -11.41 -3.12
CA LEU A 324 13.24 -12.11 -1.94
C LEU A 324 13.52 -11.10 -0.87
N CYS A 325 12.91 -11.29 0.29
CA CYS A 325 13.20 -10.47 1.44
C CYS A 325 13.97 -11.33 2.43
N LYS A 326 15.30 -11.13 2.49
CA LYS A 326 16.21 -11.86 3.39
C LYS A 326 15.99 -11.56 4.85
N GLY A 327 16.30 -12.50 5.70
CA GLY A 327 16.13 -12.21 7.12
C GLY A 327 16.11 -13.49 7.93
N GLU A 328 15.40 -13.46 9.06
CA GLU A 328 15.17 -14.64 9.84
C GLU A 328 14.07 -15.32 9.06
N TYR A 329 14.49 -16.24 8.21
CA TYR A 329 13.61 -16.91 7.24
C TYR A 329 13.29 -16.06 6.04
N PRO A 330 13.72 -16.56 4.90
CA PRO A 330 13.48 -15.83 3.68
C PRO A 330 11.99 -15.72 3.40
N VAL A 331 11.53 -14.53 3.01
CA VAL A 331 10.17 -14.36 2.47
C VAL A 331 10.24 -14.02 0.98
N PHE A 332 9.43 -14.70 0.19
CA PHE A 332 9.32 -14.44 -1.22
C PHE A 332 8.02 -13.68 -1.52
N THR A 333 8.13 -12.60 -2.27
CA THR A 333 6.93 -11.97 -2.81
C THR A 333 6.86 -12.40 -4.26
N MET A 334 5.72 -12.95 -4.62
CA MET A 334 5.50 -13.52 -5.92
C MET A 334 4.40 -12.76 -6.59
N VAL A 335 4.65 -12.45 -7.85
CA VAL A 335 3.72 -11.71 -8.67
C VAL A 335 3.57 -12.51 -9.94
N PHE A 336 2.35 -12.93 -10.20
CA PHE A 336 1.96 -13.68 -11.41
C PHE A 336 0.91 -12.91 -12.17
N TRP A 337 0.96 -12.90 -13.50
CA TRP A 337 -0.09 -12.25 -14.26
C TRP A 337 -0.27 -12.94 -15.56
N GLY A 338 -1.37 -12.65 -16.21
CA GLY A 338 -1.75 -13.33 -17.45
C GLY A 338 -3.13 -12.85 -17.86
N LYS A 339 -3.65 -13.39 -18.95
CA LYS A 339 -4.87 -12.84 -19.60
C LYS A 339 -6.16 -13.21 -18.84
N ASP A 340 -6.14 -14.34 -18.15
CA ASP A 340 -7.28 -14.68 -17.34
C ASP A 340 -6.77 -15.45 -16.16
N ARG A 341 -7.71 -15.94 -15.35
CA ARG A 341 -7.36 -16.57 -14.11
C ARG A 341 -6.62 -17.83 -14.44
N GLU A 342 -6.91 -18.41 -15.60
CA GLU A 342 -6.38 -19.74 -15.83
C GLU A 342 -4.89 -19.68 -16.22
N GLU A 343 -4.55 -18.72 -17.09
CA GLU A 343 -3.20 -18.48 -17.48
C GLU A 343 -2.39 -18.07 -16.26
N THR A 344 -2.98 -17.21 -15.43
CA THR A 344 -2.29 -16.72 -14.25
C THR A 344 -2.02 -17.85 -13.27
N GLY A 345 -3.01 -18.73 -13.11
CA GLY A 345 -2.89 -19.85 -12.18
C GLY A 345 -1.78 -20.79 -12.63
N ALA A 346 -1.62 -20.93 -13.94
CA ALA A 346 -0.51 -21.67 -14.55
C ALA A 346 0.85 -21.05 -14.25
N LYS A 347 0.95 -19.72 -14.34
CA LYS A 347 2.19 -19.03 -13.99
C LYS A 347 2.51 -19.24 -12.53
N ARG A 348 1.47 -19.21 -11.69
CA ARG A 348 1.66 -19.39 -10.24
C ARG A 348 2.28 -20.78 -9.94
N CYS A 349 1.75 -21.79 -10.61
CA CYS A 349 2.34 -23.12 -10.66
C CYS A 349 3.78 -23.17 -11.13
N LYS A 350 4.07 -22.57 -12.29
CA LYS A 350 5.47 -22.47 -12.77
C LYS A 350 6.35 -21.75 -11.74
N GLY A 351 5.91 -20.61 -11.20
CA GLY A 351 6.69 -19.89 -10.18
C GLY A 351 6.91 -20.70 -8.89
N LEU A 352 5.90 -21.42 -8.45
CA LEU A 352 6.11 -22.30 -7.30
C LEU A 352 7.15 -23.38 -7.61
N SER A 353 7.07 -24.01 -8.77
CA SER A 353 8.08 -25.01 -9.15
C SER A 353 9.51 -24.44 -9.32
N VAL A 354 9.64 -23.19 -9.76
CA VAL A 354 10.95 -22.50 -9.64
C VAL A 354 11.49 -22.53 -8.21
N LEU A 355 10.67 -22.23 -7.22
CA LEU A 355 11.13 -22.43 -5.85
C LEU A 355 11.27 -23.92 -5.50
N LYS A 356 10.44 -24.78 -6.08
CA LYS A 356 10.47 -26.21 -5.70
C LYS A 356 11.78 -26.86 -6.15
N GLU A 357 12.12 -26.66 -7.42
CA GLU A 357 13.33 -27.24 -8.00
C GLU A 357 14.61 -26.56 -7.49
N ARG A 358 14.51 -25.27 -7.18
CA ARG A 358 15.72 -24.50 -6.82
C ARG A 358 16.04 -24.71 -5.34
N PHE A 359 15.05 -24.50 -4.48
CA PHE A 359 15.26 -24.59 -3.05
C PHE A 359 14.64 -25.77 -2.32
N GLY A 360 13.91 -26.66 -2.97
CA GLY A 360 13.41 -27.80 -2.22
C GLY A 360 12.23 -27.36 -1.37
N ALA A 361 11.58 -26.30 -1.84
CA ALA A 361 10.31 -25.80 -1.31
C ALA A 361 9.17 -26.83 -1.37
N VAL A 362 8.35 -26.83 -0.33
CA VAL A 362 7.13 -27.64 -0.33
C VAL A 362 5.80 -26.83 -0.25
N LEU A 363 4.91 -27.13 -1.21
CA LEU A 363 3.54 -26.56 -1.43
C LEU A 363 3.13 -27.14 -2.79
#